data_5F49
#
_entry.id   5F49
#
_cell.length_a   46.159
_cell.length_b   54.047
_cell.length_c   84.847
_cell.angle_alpha   72.30
_cell.angle_beta   74.57
_cell.angle_gamma   88.07
#
_symmetry.space_group_name_H-M   'P 1'
#
loop_
_entity.id
_entity.type
_entity.pdbx_description
1 polymer 'aminoglycoside acetyltransferase meta-AAC0020'
2 non-polymer 'COENZYME A'
3 non-polymer 'MAGNESIUM ION'
4 non-polymer 'MALONYL-COENZYME A'
5 water water
#
_entity_poly.entity_id   1
_entity_poly.type   'polypeptide(L)'
_entity_poly.pdbx_seq_one_letter_code
;MGQNMEIDNFLKIERLAENDLPKFIQLIRLFEAVFEMKNFSIPDSEHLQKLLNQNNFYVFVALLENKIVGGLTSYVLEQY
YSEKPLAYIYDLAVDTNWQRQGIGKKLITATNQFYTEKGFEEVFVQADKVDDYALDFYRSTKPTAEEQVVHFYYTLK
;
_entity_poly.pdbx_strand_id   A,B,C,D
#
# COMPACT_ATOMS: atom_id res chain seq x y z
N ASP A 8 -34.76 19.76 5.41
CA ASP A 8 -34.57 18.96 4.20
C ASP A 8 -35.81 18.18 3.80
N ASN A 9 -36.66 18.78 2.97
CA ASN A 9 -37.71 17.96 2.38
C ASN A 9 -37.48 17.84 0.88
N PHE A 10 -36.28 18.23 0.45
CA PHE A 10 -35.86 17.99 -0.93
C PHE A 10 -34.86 16.85 -0.96
N LEU A 11 -34.48 16.36 0.21
CA LEU A 11 -33.49 15.28 0.31
C LEU A 11 -34.09 13.95 -0.14
N LYS A 12 -33.38 13.27 -1.03
CA LYS A 12 -33.77 11.95 -1.47
C LYS A 12 -32.77 10.91 -1.02
N ILE A 13 -33.25 9.77 -0.56
CA ILE A 13 -32.37 8.65 -0.25
C ILE A 13 -32.53 7.57 -1.31
N GLU A 14 -31.42 7.15 -1.89
CA GLU A 14 -31.44 6.25 -3.03
C GLU A 14 -30.45 5.09 -2.88
N ARG A 15 -30.93 3.88 -3.14
CA ARG A 15 -30.06 2.69 -3.19
C ARG A 15 -29.51 2.51 -4.60
N LEU A 16 -28.19 2.51 -4.75
CA LEU A 16 -27.60 2.45 -6.09
C LEU A 16 -27.83 1.10 -6.76
N ALA A 17 -28.15 1.15 -8.06
CA ALA A 17 -28.25 -0.05 -8.87
C ALA A 17 -27.01 -0.18 -9.75
N GLU A 18 -27.01 -1.19 -10.61
CA GLU A 18 -25.85 -1.51 -11.45
C GLU A 18 -25.45 -0.38 -12.39
N ASN A 19 -26.41 0.44 -12.78
CA ASN A 19 -26.14 1.53 -13.71
C ASN A 19 -25.83 2.86 -13.00
N ASP A 20 -25.45 2.79 -11.73
CA ASP A 20 -25.19 4.01 -10.96
C ASP A 20 -23.72 4.27 -10.67
N LEU A 21 -22.83 3.79 -11.53
CA LEU A 21 -21.40 4.07 -11.37
C LEU A 21 -21.06 5.57 -11.15
N PRO A 22 -21.63 6.49 -11.96
CA PRO A 22 -21.28 7.90 -11.71
C PRO A 22 -21.58 8.38 -10.29
N LYS A 23 -22.66 7.88 -9.71
CA LYS A 23 -23.02 8.26 -8.34
C LYS A 23 -22.08 7.59 -7.34
N PHE A 24 -21.69 6.37 -7.66
CA PHE A 24 -20.75 5.61 -6.82
C PHE A 24 -19.41 6.33 -6.76
N ILE A 25 -18.92 6.75 -7.92
CA ILE A 25 -17.65 7.48 -7.99
C ILE A 25 -17.76 8.78 -7.20
N GLN A 26 -18.90 9.43 -7.31
CA GLN A 26 -19.18 10.67 -6.60
C GLN A 26 -19.14 10.48 -5.07
N LEU A 27 -19.70 9.37 -4.58
CA LEU A 27 -19.66 9.05 -3.16
C LEU A 27 -18.23 8.76 -2.68
N ILE A 28 -17.47 8.06 -3.51
CA ILE A 28 -16.08 7.74 -3.19
C ILE A 28 -15.24 9.01 -3.10
N ARG A 29 -15.53 9.99 -3.93
CA ARG A 29 -14.84 11.28 -3.85
C ARG A 29 -15.29 12.05 -2.60
N LEU A 30 -16.54 11.84 -2.21
CA LEU A 30 -17.03 12.44 -0.97
C LEU A 30 -16.29 11.82 0.21
N PHE A 31 -16.09 10.50 0.16
CA PHE A 31 -15.35 9.78 1.19
C PHE A 31 -13.91 10.29 1.30
N GLU A 32 -13.27 10.47 0.14
CA GLU A 32 -11.91 11.00 0.07
C GLU A 32 -11.80 12.36 0.76
N ALA A 33 -12.74 13.25 0.46
CA ALA A 33 -12.75 14.59 1.04
C ALA A 33 -13.03 14.58 2.55
N VAL A 34 -14.13 13.94 2.94
CA VAL A 34 -14.56 13.97 4.33
C VAL A 34 -13.57 13.23 5.23
N PHE A 35 -13.11 12.05 4.80
CA PHE A 35 -12.16 11.27 5.60
C PHE A 35 -10.75 11.85 5.51
N GLU A 36 -10.61 12.89 4.69
CA GLU A 36 -9.33 13.58 4.50
C GLU A 36 -8.21 12.62 4.08
N MET A 37 -8.50 11.75 3.13
CA MET A 37 -7.50 10.82 2.63
C MET A 37 -6.48 11.55 1.76
N LYS A 38 -5.20 11.25 1.96
CA LYS A 38 -4.13 11.96 1.24
C LYS A 38 -3.52 11.07 0.16
N ASN A 39 -3.17 11.70 -0.97
CA ASN A 39 -2.53 10.99 -2.07
C ASN A 39 -3.31 9.77 -2.55
N PHE A 40 -4.63 9.90 -2.59
CA PHE A 40 -5.52 8.81 -2.96
C PHE A 40 -5.70 8.71 -4.48
N SER A 41 -5.62 7.49 -5.00
CA SER A 41 -5.92 7.22 -6.41
C SER A 41 -7.15 6.33 -6.49
N ILE A 42 -8.20 6.81 -7.13
CA ILE A 42 -9.41 6.01 -7.27
C ILE A 42 -9.14 4.85 -8.22
N PRO A 43 -9.67 3.67 -7.91
CA PRO A 43 -9.50 2.51 -8.81
C PRO A 43 -10.10 2.75 -10.19
N ASP A 44 -9.68 1.95 -11.17
CA ASP A 44 -10.26 1.98 -12.50
C ASP A 44 -11.78 1.82 -12.42
N SER A 45 -12.49 2.40 -13.39
CA SER A 45 -13.94 2.28 -13.44
C SER A 45 -14.39 0.84 -13.62
N GLU A 46 -13.63 0.06 -14.38
CA GLU A 46 -14.06 -1.32 -14.58
C GLU A 46 -14.00 -2.05 -13.25
N HIS A 47 -13.00 -1.81 -12.41
CA HIS A 47 -13.00 -2.38 -11.08
C HIS A 47 -14.24 -1.96 -10.28
N LEU A 48 -14.49 -0.66 -10.22
CA LEU A 48 -15.59 -0.13 -9.41
C LEU A 48 -16.93 -0.60 -9.94
N GLN A 49 -17.04 -0.77 -11.24
CA GLN A 49 -18.28 -1.22 -11.86
C GLN A 49 -18.59 -2.68 -11.49
N LYS A 50 -17.56 -3.52 -11.41
CA LYS A 50 -17.76 -4.93 -11.03
C LYS A 50 -18.22 -5.04 -9.58
N LEU A 51 -17.63 -4.22 -8.71
CA LEU A 51 -18.01 -4.19 -7.31
C LEU A 51 -19.49 -3.81 -7.16
N LEU A 52 -19.91 -2.78 -7.88
CA LEU A 52 -21.29 -2.32 -7.84
C LEU A 52 -22.23 -3.38 -8.37
N ASN A 53 -21.75 -4.17 -9.33
CA ASN A 53 -22.50 -5.30 -9.88
C ASN A 53 -22.69 -6.47 -8.89
N GLN A 54 -21.88 -6.51 -7.84
CA GLN A 54 -21.97 -7.62 -6.88
C GLN A 54 -23.31 -7.63 -6.16
N ASN A 55 -23.84 -8.81 -5.88
CA ASN A 55 -25.14 -8.90 -5.23
C ASN A 55 -25.00 -9.07 -3.71
N ASN A 56 -23.79 -8.83 -3.20
CA ASN A 56 -23.52 -8.85 -1.77
C ASN A 56 -23.01 -7.48 -1.30
N PHE A 57 -23.22 -6.47 -2.14
CA PHE A 57 -22.70 -5.13 -1.90
C PHE A 57 -23.80 -4.12 -2.21
N TYR A 58 -24.15 -3.29 -1.23
CA TYR A 58 -25.21 -2.32 -1.42
C TYR A 58 -24.80 -0.93 -0.98
N VAL A 59 -24.99 0.04 -1.86
CA VAL A 59 -24.63 1.43 -1.57
C VAL A 59 -25.88 2.30 -1.47
N PHE A 60 -25.94 3.11 -0.42
CA PHE A 60 -27.02 4.07 -0.27
C PHE A 60 -26.45 5.47 -0.31
N VAL A 61 -27.13 6.38 -1.00
CA VAL A 61 -26.65 7.75 -1.10
C VAL A 61 -27.74 8.75 -0.78
N ALA A 62 -27.35 9.95 -0.36
CA ALA A 62 -28.28 11.03 -0.07
C ALA A 62 -28.12 12.12 -1.11
N LEU A 63 -29.23 12.54 -1.71
CA LEU A 63 -29.19 13.46 -2.83
C LEU A 63 -29.99 14.73 -2.63
N LEU A 64 -29.37 15.85 -2.97
CA LEU A 64 -30.10 17.10 -3.19
C LEU A 64 -29.82 17.47 -4.64
N GLU A 65 -30.88 17.72 -5.42
CA GLU A 65 -30.84 17.71 -6.89
C GLU A 65 -29.96 16.55 -7.38
N ASN A 66 -28.94 16.83 -8.16
CA ASN A 66 -28.02 15.80 -8.63
C ASN A 66 -26.87 15.54 -7.67
N LYS A 67 -26.79 16.35 -6.62
CA LYS A 67 -25.63 16.36 -5.76
C LYS A 67 -25.71 15.32 -4.64
N ILE A 68 -24.78 14.37 -4.66
CA ILE A 68 -24.59 13.46 -3.54
C ILE A 68 -24.03 14.21 -2.35
N VAL A 69 -24.77 14.27 -1.25
CA VAL A 69 -24.29 15.00 -0.08
C VAL A 69 -23.90 14.05 1.06
N GLY A 70 -24.08 12.75 0.83
CA GLY A 70 -23.71 11.76 1.80
C GLY A 70 -23.95 10.36 1.28
N GLY A 71 -23.58 9.35 2.05
CA GLY A 71 -23.87 7.99 1.66
C GLY A 71 -23.21 6.95 2.54
N LEU A 72 -23.60 5.69 2.38
CA LEU A 72 -22.92 4.61 3.08
C LEU A 72 -22.77 3.38 2.20
N THR A 73 -21.81 2.54 2.56
CA THR A 73 -21.56 1.28 1.87
C THR A 73 -21.83 0.15 2.83
N SER A 74 -22.31 -0.98 2.32
CA SER A 74 -22.61 -2.13 3.15
C SER A 74 -22.32 -3.45 2.43
N TYR A 75 -21.85 -4.43 3.21
CA TYR A 75 -21.58 -5.77 2.69
C TYR A 75 -22.52 -6.80 3.27
N VAL A 76 -22.97 -7.73 2.44
CA VAL A 76 -23.80 -8.82 2.92
C VAL A 76 -22.89 -9.95 3.37
N LEU A 77 -23.09 -10.41 4.60
CA LEU A 77 -22.36 -11.56 5.09
C LEU A 77 -23.32 -12.70 5.34
N GLU A 78 -23.34 -13.64 4.41
CA GLU A 78 -24.17 -14.84 4.53
C GLU A 78 -23.67 -15.69 5.69
N GLN A 79 -24.60 -16.24 6.47
CA GLN A 79 -24.24 -16.97 7.69
C GLN A 79 -24.35 -18.48 7.56
N TYR A 80 -23.61 -19.18 8.41
CA TYR A 80 -23.74 -20.62 8.56
C TYR A 80 -24.46 -20.94 9.86
N TYR A 81 -24.74 -19.90 10.64
CA TYR A 81 -25.51 -20.05 11.88
C TYR A 81 -27.01 -19.90 11.61
N SER A 82 -27.34 -19.29 10.49
CA SER A 82 -28.73 -19.01 10.13
C SER A 82 -28.88 -18.84 8.63
N GLU A 83 -30.11 -18.94 8.14
CA GLU A 83 -30.38 -18.68 6.73
C GLU A 83 -30.51 -17.18 6.47
N LYS A 84 -30.71 -16.41 7.53
CA LYS A 84 -30.86 -14.97 7.40
C LYS A 84 -29.51 -14.28 7.50
N PRO A 85 -29.15 -13.50 6.47
CA PRO A 85 -27.81 -12.90 6.39
C PRO A 85 -27.60 -11.77 7.39
N LEU A 86 -26.33 -11.42 7.58
CA LEU A 86 -25.93 -10.20 8.29
C LEU A 86 -25.53 -9.13 7.28
N ALA A 87 -25.75 -7.86 7.64
CA ALA A 87 -25.26 -6.77 6.83
C ALA A 87 -24.21 -5.96 7.58
N TYR A 88 -23.13 -5.61 6.90
CA TYR A 88 -22.01 -4.90 7.51
C TYR A 88 -21.90 -3.51 6.91
N ILE A 89 -22.31 -2.49 7.66
CA ILE A 89 -22.09 -1.11 7.22
C ILE A 89 -20.61 -0.80 7.36
N TYR A 90 -19.96 -0.51 6.24
CA TYR A 90 -18.51 -0.33 6.27
C TYR A 90 -18.10 1.14 6.39
N ASP A 91 -18.65 1.99 5.52
CA ASP A 91 -18.37 3.43 5.56
C ASP A 91 -19.65 4.23 5.62
N LEU A 92 -19.61 5.36 6.32
CA LEU A 92 -20.71 6.32 6.28
C LEU A 92 -20.17 7.73 6.44
N ALA A 93 -20.62 8.63 5.59
CA ALA A 93 -20.19 10.03 5.68
C ALA A 93 -21.21 10.97 5.07
N VAL A 94 -21.20 12.20 5.58
CA VAL A 94 -22.02 13.26 5.03
C VAL A 94 -21.10 14.43 4.73
N ASP A 95 -21.30 15.04 3.56
CA ASP A 95 -20.55 16.24 3.17
C ASP A 95 -20.49 17.21 4.33
N THR A 96 -19.31 17.79 4.57
CA THR A 96 -19.09 18.61 5.77
C THR A 96 -19.98 19.85 5.81
N ASN A 97 -20.38 20.32 4.65
CA ASN A 97 -21.28 21.47 4.60
C ASN A 97 -22.72 21.10 4.96
N TRP A 98 -23.02 19.81 5.00
CA TRP A 98 -24.40 19.37 5.20
C TRP A 98 -24.58 18.50 6.44
N GLN A 99 -23.57 18.44 7.30
CA GLN A 99 -23.64 17.60 8.50
C GLN A 99 -24.61 18.17 9.51
N ARG A 100 -25.10 17.29 10.38
CA ARG A 100 -25.97 17.67 11.50
C ARG A 100 -27.35 18.15 11.07
N GLN A 101 -27.87 17.60 9.98
CA GLN A 101 -29.21 17.98 9.51
C GLN A 101 -30.11 16.78 9.29
N GLY A 102 -29.72 15.62 9.80
CA GLY A 102 -30.56 14.45 9.78
C GLY A 102 -30.25 13.46 8.67
N ILE A 103 -29.26 13.80 7.84
CA ILE A 103 -28.92 12.97 6.69
C ILE A 103 -28.36 11.61 7.10
N GLY A 104 -27.47 11.61 8.10
CA GLY A 104 -26.91 10.38 8.59
C GLY A 104 -27.99 9.43 9.10
N LYS A 105 -28.92 9.97 9.89
CA LYS A 105 -30.01 9.16 10.42
C LYS A 105 -30.89 8.55 9.33
N LYS A 106 -31.23 9.35 8.33
CA LYS A 106 -32.08 8.85 7.24
C LYS A 106 -31.37 7.74 6.49
N LEU A 107 -30.06 7.89 6.31
CA LEU A 107 -29.27 6.85 5.65
C LEU A 107 -29.33 5.56 6.44
N ILE A 108 -29.02 5.64 7.73
CA ILE A 108 -29.11 4.48 8.60
C ILE A 108 -30.52 3.89 8.58
N THR A 109 -31.53 4.75 8.62
CA THR A 109 -32.91 4.31 8.60
C THR A 109 -33.25 3.55 7.32
N ALA A 110 -32.88 4.14 6.18
CA ALA A 110 -33.16 3.51 4.88
C ALA A 110 -32.44 2.17 4.77
N THR A 111 -31.19 2.13 5.23
CA THR A 111 -30.38 0.93 5.15
C THR A 111 -31.01 -0.23 5.94
N ASN A 112 -31.38 0.04 7.19
CA ASN A 112 -31.97 -0.99 8.03
C ASN A 112 -33.36 -1.42 7.56
N GLN A 113 -34.08 -0.49 6.95
CA GLN A 113 -35.38 -0.77 6.38
C GLN A 113 -35.24 -1.73 5.20
N PHE A 114 -34.25 -1.46 4.35
CA PHE A 114 -33.96 -2.30 3.20
C PHE A 114 -33.64 -3.73 3.64
N TYR A 115 -32.78 -3.85 4.64
CA TYR A 115 -32.31 -5.16 5.07
C TYR A 115 -33.37 -5.92 5.88
N THR A 116 -34.31 -5.19 6.47
CA THR A 116 -35.44 -5.84 7.12
C THR A 116 -36.36 -6.45 6.07
N GLU A 117 -36.59 -5.71 4.99
CA GLU A 117 -37.44 -6.19 3.90
C GLU A 117 -36.85 -7.42 3.24
N LYS A 118 -35.53 -7.57 3.33
CA LYS A 118 -34.85 -8.71 2.73
C LYS A 118 -34.70 -9.89 3.68
N GLY A 119 -35.22 -9.74 4.90
CA GLY A 119 -35.22 -10.83 5.86
C GLY A 119 -33.89 -11.05 6.54
N PHE A 120 -33.08 -10.02 6.64
CA PHE A 120 -31.80 -10.12 7.33
C PHE A 120 -32.00 -10.22 8.84
N GLU A 121 -31.05 -10.85 9.52
CA GLU A 121 -31.12 -10.98 10.96
C GLU A 121 -30.69 -9.69 11.66
N GLU A 122 -29.66 -9.04 11.14
CA GLU A 122 -28.96 -8.01 11.89
C GLU A 122 -28.11 -7.14 10.99
N VAL A 123 -28.02 -5.87 11.33
CA VAL A 123 -27.07 -4.95 10.70
C VAL A 123 -26.09 -4.47 11.76
N PHE A 124 -24.80 -4.42 11.45
CA PHE A 124 -23.86 -3.88 12.42
C PHE A 124 -22.89 -2.90 11.78
N VAL A 125 -22.32 -2.04 12.62
CA VAL A 125 -21.42 -0.99 12.17
C VAL A 125 -20.40 -0.72 13.27
N GLN A 126 -19.24 -0.20 12.90
CA GLN A 126 -18.18 0.02 13.88
C GLN A 126 -17.60 1.42 13.80
N ALA A 127 -17.32 1.99 14.97
CA ALA A 127 -16.69 3.29 15.06
C ALA A 127 -15.47 3.21 15.96
N ASP A 128 -14.43 3.98 15.64
CA ASP A 128 -13.22 3.99 16.45
C ASP A 128 -13.53 4.59 17.82
N LYS A 129 -12.88 4.06 18.85
CA LYS A 129 -13.13 4.48 20.21
C LYS A 129 -12.86 5.96 20.41
N VAL A 130 -11.92 6.50 19.64
CA VAL A 130 -11.55 7.91 19.75
C VAL A 130 -12.43 8.81 18.91
N ASP A 131 -13.25 8.21 18.04
CA ASP A 131 -14.10 9.01 17.16
C ASP A 131 -15.39 9.41 17.88
N ASP A 132 -15.29 10.42 18.74
CA ASP A 132 -16.39 10.85 19.61
C ASP A 132 -17.64 11.27 18.86
N TYR A 133 -17.47 12.00 17.76
CA TYR A 133 -18.61 12.44 16.98
C TYR A 133 -19.32 11.26 16.30
N ALA A 134 -18.55 10.31 15.78
CA ALA A 134 -19.16 9.12 15.19
C ALA A 134 -19.92 8.31 16.25
N LEU A 135 -19.33 8.18 17.43
CA LEU A 135 -19.93 7.41 18.51
C LEU A 135 -21.24 8.05 18.99
N ASP A 136 -21.24 9.36 19.16
CA ASP A 136 -22.46 10.05 19.56
C ASP A 136 -23.55 9.87 18.52
N PHE A 137 -23.17 9.89 17.24
CA PHE A 137 -24.14 9.65 16.18
C PHE A 137 -24.77 8.27 16.30
N TYR A 138 -23.96 7.22 16.29
CA TYR A 138 -24.51 5.87 16.30
C TYR A 138 -25.36 5.64 17.54
N ARG A 139 -24.93 6.18 18.67
CA ARG A 139 -25.67 6.03 19.92
C ARG A 139 -27.01 6.76 19.94
N SER A 140 -27.27 7.58 18.92
CA SER A 140 -28.55 8.25 18.78
C SER A 140 -29.46 7.56 17.76
N THR A 141 -28.98 6.48 17.15
CA THR A 141 -29.76 5.77 16.14
C THR A 141 -30.50 4.57 16.71
N LYS A 142 -30.64 4.56 18.03
CA LYS A 142 -31.31 3.49 18.77
C LYS A 142 -30.78 2.09 18.42
N PRO A 143 -29.45 1.89 18.51
CA PRO A 143 -28.95 0.54 18.24
C PRO A 143 -29.41 -0.45 19.31
N THR A 144 -29.63 -1.69 18.91
CA THR A 144 -30.04 -2.75 19.84
C THR A 144 -29.03 -2.88 20.99
N ALA A 145 -27.74 -2.80 20.65
CA ALA A 145 -26.69 -2.89 21.64
C ALA A 145 -25.37 -2.36 21.11
N GLU A 146 -24.42 -2.17 22.01
CA GLU A 146 -23.07 -1.77 21.63
C GLU A 146 -22.06 -2.56 22.45
N GLU A 147 -20.96 -2.94 21.82
CA GLU A 147 -19.94 -3.76 22.45
C GLU A 147 -18.56 -3.14 22.26
N GLN A 148 -17.74 -3.18 23.31
CA GLN A 148 -16.34 -2.83 23.21
C GLN A 148 -15.59 -3.94 22.50
N VAL A 149 -14.88 -3.60 21.44
CA VAL A 149 -14.22 -4.59 20.61
C VAL A 149 -12.78 -4.16 20.32
N VAL A 150 -11.87 -5.14 20.23
CA VAL A 150 -10.51 -4.87 19.79
C VAL A 150 -10.32 -5.43 18.39
N HIS A 151 -9.79 -4.59 17.51
CA HIS A 151 -9.66 -4.89 16.10
C HIS A 151 -8.19 -5.07 15.74
N PHE A 152 -7.84 -6.25 15.25
CA PHE A 152 -6.45 -6.55 14.88
C PHE A 152 -6.34 -6.61 13.37
N TYR A 153 -5.25 -6.11 12.80
CA TYR A 153 -5.07 -6.36 11.38
C TYR A 153 -3.65 -6.77 11.01
N TYR A 154 -3.55 -7.46 9.89
CA TYR A 154 -2.28 -7.92 9.34
C TYR A 154 -2.10 -7.27 7.97
N THR A 155 -1.17 -6.32 7.89
CA THR A 155 -0.83 -5.73 6.60
C THR A 155 0.06 -6.71 5.83
N LEU A 156 -0.42 -7.15 4.67
CA LEU A 156 0.27 -8.20 3.93
C LEU A 156 1.35 -7.62 3.00
N LYS A 157 2.36 -8.42 2.70
CA LYS A 157 3.38 -8.02 1.75
C LYS A 157 2.92 -8.30 0.33
N ASP B 8 2.03 -32.24 16.73
CA ASP B 8 2.97 -31.58 15.83
C ASP B 8 2.56 -31.94 14.37
N ASN B 9 3.51 -32.26 13.50
CA ASN B 9 3.39 -32.18 12.03
C ASN B 9 2.32 -33.07 11.47
N PHE B 10 1.82 -33.99 12.30
CA PHE B 10 0.63 -34.73 11.93
C PHE B 10 -0.51 -33.73 11.65
N LEU B 11 -0.46 -32.58 12.30
CA LEU B 11 -1.45 -31.54 12.13
C LEU B 11 -1.47 -31.00 10.71
N LYS B 12 -2.64 -31.04 10.08
CA LYS B 12 -2.79 -30.55 8.72
C LYS B 12 -3.75 -29.36 8.65
N ILE B 13 -3.36 -28.35 7.89
CA ILE B 13 -4.25 -27.24 7.60
C ILE B 13 -4.80 -27.36 6.18
N GLU B 14 -6.12 -27.34 6.06
CA GLU B 14 -6.78 -27.47 4.77
C GLU B 14 -7.73 -26.31 4.51
N ARG B 15 -7.63 -25.71 3.33
CA ARG B 15 -8.62 -24.75 2.87
C ARG B 15 -9.75 -25.54 2.23
N LEU B 16 -10.98 -25.35 2.70
CA LEU B 16 -12.08 -26.17 2.19
C LEU B 16 -12.48 -25.75 0.78
N ALA B 17 -12.86 -26.73 -0.02
CA ALA B 17 -13.36 -26.48 -1.37
C ALA B 17 -14.85 -26.83 -1.39
N GLU B 18 -15.45 -26.81 -2.57
CA GLU B 18 -16.90 -27.00 -2.68
C GLU B 18 -17.38 -28.43 -2.45
N ASN B 19 -16.50 -29.41 -2.62
CA ASN B 19 -16.89 -30.79 -2.32
C ASN B 19 -16.56 -31.14 -0.87
N ASP B 20 -16.38 -30.12 -0.03
CA ASP B 20 -16.03 -30.32 1.38
C ASP B 20 -17.16 -29.95 2.35
N LEU B 21 -18.42 -30.11 1.93
CA LEU B 21 -19.54 -29.79 2.83
C LEU B 21 -19.48 -30.54 4.18
N PRO B 22 -19.20 -31.85 4.18
CA PRO B 22 -19.19 -32.52 5.50
C PRO B 22 -18.17 -31.95 6.49
N LYS B 23 -17.03 -31.48 5.98
CA LYS B 23 -16.02 -30.87 6.84
C LYS B 23 -16.48 -29.49 7.31
N PHE B 24 -17.22 -28.79 6.46
CA PHE B 24 -17.81 -27.51 6.82
C PHE B 24 -18.75 -27.73 8.02
N ILE B 25 -19.65 -28.69 7.88
CA ILE B 25 -20.63 -29.00 8.92
C ILE B 25 -19.91 -29.44 10.21
N GLN B 26 -18.83 -30.20 10.05
CA GLN B 26 -18.02 -30.61 11.21
C GLN B 26 -17.47 -29.39 11.95
N LEU B 27 -17.00 -28.41 11.20
CA LEU B 27 -16.47 -27.20 11.79
C LEU B 27 -17.56 -26.39 12.51
N ILE B 28 -18.72 -26.30 11.89
CA ILE B 28 -19.87 -25.63 12.51
C ILE B 28 -20.23 -26.30 13.85
N ARG B 29 -20.16 -27.62 13.88
CA ARG B 29 -20.41 -28.36 15.12
C ARG B 29 -19.34 -28.04 16.15
N LEU B 30 -18.10 -27.88 15.70
CA LEU B 30 -17.01 -27.49 16.59
C LEU B 30 -17.28 -26.10 17.17
N PHE B 31 -17.69 -25.16 16.31
CA PHE B 31 -18.06 -23.82 16.74
C PHE B 31 -19.14 -23.90 17.80
N GLU B 32 -20.13 -24.76 17.55
CA GLU B 32 -21.25 -24.94 18.46
C GLU B 32 -20.79 -25.32 19.87
N ALA B 33 -19.87 -26.28 19.96
CA ALA B 33 -19.39 -26.75 21.25
C ALA B 33 -18.48 -25.74 21.94
N VAL B 34 -17.51 -25.21 21.20
CA VAL B 34 -16.52 -24.32 21.81
C VAL B 34 -17.14 -22.98 22.24
N PHE B 35 -18.05 -22.44 21.42
CA PHE B 35 -18.72 -21.20 21.76
C PHE B 35 -19.91 -21.44 22.68
N GLU B 36 -20.17 -22.72 22.98
CA GLU B 36 -21.27 -23.10 23.87
C GLU B 36 -22.60 -22.55 23.40
N MET B 37 -22.92 -22.75 22.13
CA MET B 37 -24.18 -22.27 21.58
C MET B 37 -25.33 -23.17 22.05
N LYS B 38 -26.37 -22.57 22.59
CA LYS B 38 -27.51 -23.31 23.13
C LYS B 38 -28.66 -23.41 22.15
N ASN B 39 -29.31 -24.57 22.11
CA ASN B 39 -30.49 -24.81 21.27
C ASN B 39 -30.24 -24.53 19.78
N PHE B 40 -29.02 -24.76 19.32
CA PHE B 40 -28.66 -24.44 17.95
C PHE B 40 -29.35 -25.36 16.94
N SER B 41 -30.02 -24.76 15.95
CA SER B 41 -30.56 -25.49 14.82
C SER B 41 -29.75 -25.18 13.57
N ILE B 42 -28.97 -26.14 13.09
CA ILE B 42 -28.12 -25.91 11.93
C ILE B 42 -29.00 -25.67 10.69
N PRO B 43 -28.63 -24.67 9.87
CA PRO B 43 -29.32 -24.44 8.60
C PRO B 43 -29.24 -25.66 7.68
N ASP B 44 -30.12 -25.77 6.69
CA ASP B 44 -30.11 -26.95 5.83
C ASP B 44 -28.87 -26.98 4.95
N SER B 45 -28.53 -28.18 4.47
CA SER B 45 -27.33 -28.38 3.66
C SER B 45 -27.39 -27.60 2.35
N GLU B 46 -28.59 -27.39 1.84
CA GLU B 46 -28.75 -26.59 0.63
C GLU B 46 -28.15 -25.20 0.84
N HIS B 47 -28.50 -24.59 1.98
CA HIS B 47 -28.03 -23.26 2.29
C HIS B 47 -26.53 -23.23 2.59
N LEU B 48 -26.04 -24.23 3.32
CA LEU B 48 -24.62 -24.30 3.66
C LEU B 48 -23.76 -24.55 2.43
N GLN B 49 -24.25 -25.37 1.50
CA GLN B 49 -23.53 -25.65 0.27
C GLN B 49 -23.40 -24.38 -0.59
N LYS B 50 -24.46 -23.62 -0.69
CA LYS B 50 -24.45 -22.39 -1.47
C LYS B 50 -23.49 -21.36 -0.88
N LEU B 51 -23.41 -21.33 0.46
CA LEU B 51 -22.46 -20.45 1.13
C LEU B 51 -21.02 -20.88 0.82
N LEU B 52 -20.76 -22.18 0.99
CA LEU B 52 -19.45 -22.73 0.68
C LEU B 52 -19.05 -22.47 -0.76
N ASN B 53 -20.05 -22.39 -1.64
CA ASN B 53 -19.81 -22.17 -3.06
C ASN B 53 -19.55 -20.69 -3.43
N GLN B 54 -19.77 -19.78 -2.50
CA GLN B 54 -19.53 -18.36 -2.78
C GLN B 54 -18.04 -18.10 -3.01
N ASN B 55 -17.73 -17.11 -3.84
CA ASN B 55 -16.34 -16.80 -4.16
C ASN B 55 -15.75 -15.80 -3.18
N ASN B 56 -16.56 -15.36 -2.21
CA ASN B 56 -16.12 -14.39 -1.25
C ASN B 56 -16.03 -14.97 0.16
N PHE B 57 -15.96 -16.29 0.25
CA PHE B 57 -16.01 -17.00 1.53
C PHE B 57 -14.98 -18.13 1.55
N TYR B 58 -14.08 -18.10 2.54
CA TYR B 58 -13.05 -19.12 2.66
C TYR B 58 -12.95 -19.72 4.07
N VAL B 59 -13.06 -21.05 4.14
CA VAL B 59 -12.96 -21.78 5.38
C VAL B 59 -11.63 -22.53 5.46
N PHE B 60 -10.97 -22.43 6.60
CA PHE B 60 -9.77 -23.23 6.86
C PHE B 60 -10.01 -24.11 8.07
N VAL B 61 -9.66 -25.39 7.95
CA VAL B 61 -9.78 -26.28 9.08
C VAL B 61 -8.43 -26.86 9.47
N ALA B 62 -8.31 -27.26 10.73
CA ALA B 62 -7.14 -27.96 11.21
C ALA B 62 -7.53 -29.42 11.45
N LEU B 63 -6.69 -30.33 11.00
CA LEU B 63 -7.02 -31.74 11.00
C LEU B 63 -5.96 -32.60 11.66
N LEU B 64 -6.42 -33.59 12.42
CA LEU B 64 -5.57 -34.67 12.87
C LEU B 64 -6.15 -35.97 12.32
N GLU B 65 -5.46 -36.55 11.36
CA GLU B 65 -6.05 -37.51 10.44
C GLU B 65 -7.38 -36.95 9.91
N ASN B 66 -8.53 -37.49 10.31
CA ASN B 66 -9.78 -36.92 9.80
C ASN B 66 -10.62 -36.22 10.87
N LYS B 67 -10.02 -36.02 12.03
CA LYS B 67 -10.60 -35.22 13.11
C LYS B 67 -10.45 -33.74 12.79
N ILE B 68 -11.55 -33.00 12.65
CA ILE B 68 -11.48 -31.55 12.69
C ILE B 68 -11.21 -31.14 14.13
N VAL B 69 -10.04 -30.54 14.40
CA VAL B 69 -9.74 -30.12 15.76
C VAL B 69 -9.71 -28.59 15.90
N GLY B 70 -10.02 -27.89 14.81
CA GLY B 70 -10.04 -26.44 14.83
C GLY B 70 -10.34 -25.88 13.46
N GLY B 71 -10.67 -24.60 13.40
CA GLY B 71 -10.91 -23.98 12.11
C GLY B 71 -11.27 -22.51 12.20
N LEU B 72 -11.31 -21.87 11.04
CA LEU B 72 -11.75 -20.49 10.96
C LEU B 72 -12.50 -20.22 9.66
N THR B 73 -13.38 -19.22 9.72
CA THR B 73 -14.12 -18.74 8.57
C THR B 73 -13.72 -17.32 8.25
N SER B 74 -13.77 -16.95 6.97
CA SER B 74 -13.37 -15.63 6.53
C SER B 74 -14.20 -15.16 5.34
N TYR B 75 -14.45 -13.87 5.29
CA TYR B 75 -15.15 -13.26 4.17
C TYR B 75 -14.21 -12.35 3.39
N VAL B 76 -14.39 -12.32 2.08
CA VAL B 76 -13.65 -11.39 1.23
C VAL B 76 -14.46 -10.10 1.07
N LEU B 77 -13.84 -8.96 1.35
CA LEU B 77 -14.47 -7.66 1.11
C LEU B 77 -13.74 -6.90 0.01
N GLU B 78 -14.30 -6.90 -1.20
CA GLU B 78 -13.77 -6.12 -2.31
C GLU B 78 -13.85 -4.64 -1.96
N GLN B 79 -12.76 -3.90 -2.22
CA GLN B 79 -12.70 -2.49 -1.85
C GLN B 79 -13.01 -1.55 -3.01
N TYR B 80 -13.41 -0.33 -2.66
CA TYR B 80 -13.53 0.76 -3.62
C TYR B 80 -12.37 1.75 -3.42
N TYR B 81 -11.61 1.56 -2.34
CA TYR B 81 -10.45 2.40 -2.08
C TYR B 81 -9.24 1.86 -2.82
N SER B 82 -9.33 0.59 -3.20
CA SER B 82 -8.20 -0.11 -3.80
C SER B 82 -8.67 -1.37 -4.51
N GLU B 83 -7.88 -1.87 -5.44
CA GLU B 83 -8.24 -3.10 -6.15
C GLU B 83 -7.72 -4.32 -5.39
N LYS B 84 -6.87 -4.08 -4.40
CA LYS B 84 -6.42 -5.16 -3.51
C LYS B 84 -7.48 -5.37 -2.42
N PRO B 85 -8.12 -6.55 -2.41
CA PRO B 85 -9.22 -6.83 -1.48
C PRO B 85 -8.82 -6.90 -0.01
N LEU B 86 -9.82 -6.96 0.86
CA LEU B 86 -9.61 -7.19 2.28
C LEU B 86 -10.16 -8.55 2.63
N ALA B 87 -9.59 -9.19 3.64
CA ALA B 87 -10.16 -10.41 4.18
C ALA B 87 -10.60 -10.17 5.61
N TYR B 88 -11.81 -10.62 5.93
CA TYR B 88 -12.39 -10.47 7.27
C TYR B 88 -12.54 -11.84 7.92
N ILE B 89 -11.70 -12.12 8.92
CA ILE B 89 -11.80 -13.36 9.68
C ILE B 89 -12.95 -13.21 10.65
N TYR B 90 -13.93 -14.11 10.55
CA TYR B 90 -15.16 -13.95 11.31
C TYR B 90 -15.16 -14.80 12.58
N ASP B 91 -14.91 -16.10 12.44
CA ASP B 91 -14.84 -17.00 13.59
C ASP B 91 -13.53 -17.77 13.57
N LEU B 92 -12.98 -18.03 14.76
CA LEU B 92 -11.84 -18.91 14.93
C LEU B 92 -12.00 -19.68 16.23
N ALA B 93 -11.81 -21.00 16.15
CA ALA B 93 -11.95 -21.81 17.35
C ALA B 93 -11.09 -23.06 17.26
N VAL B 94 -10.68 -23.56 18.42
CA VAL B 94 -9.97 -24.82 18.51
C VAL B 94 -10.66 -25.67 19.58
N ASP B 95 -10.89 -26.94 19.27
CA ASP B 95 -11.46 -27.92 20.19
C ASP B 95 -10.84 -27.76 21.57
N THR B 96 -11.67 -27.77 22.61
CA THR B 96 -11.19 -27.50 23.97
CA THR B 96 -11.20 -27.50 23.97
C THR B 96 -10.07 -28.44 24.38
N ASN B 97 -10.07 -29.65 23.85
CA ASN B 97 -9.07 -30.64 24.22
C ASN B 97 -7.78 -30.50 23.42
N TRP B 98 -7.73 -29.52 22.51
CA TRP B 98 -6.56 -29.35 21.65
C TRP B 98 -6.02 -27.93 21.65
N GLN B 99 -6.59 -27.09 22.50
CA GLN B 99 -6.16 -25.70 22.58
C GLN B 99 -4.77 -25.61 23.19
N ARG B 100 -4.13 -24.45 23.04
CA ARG B 100 -2.81 -24.19 23.64
C ARG B 100 -1.73 -25.13 23.11
N GLN B 101 -1.87 -25.57 21.85
CA GLN B 101 -0.86 -26.44 21.26
C GLN B 101 -0.38 -25.94 19.90
N GLY B 102 -0.70 -24.70 19.56
CA GLY B 102 -0.18 -24.09 18.35
C GLY B 102 -1.11 -24.17 17.16
N ILE B 103 -2.29 -24.73 17.34
CA ILE B 103 -3.23 -24.89 16.24
C ILE B 103 -3.78 -23.56 15.76
N GLY B 104 -4.26 -22.74 16.70
CA GLY B 104 -4.77 -21.41 16.39
C GLY B 104 -3.75 -20.60 15.58
N LYS B 105 -2.50 -20.59 16.04
CA LYS B 105 -1.44 -19.89 15.33
C LYS B 105 -1.24 -20.42 13.91
N LYS B 106 -1.23 -21.74 13.75
CA LYS B 106 -1.04 -22.32 12.43
C LYS B 106 -2.20 -21.95 11.50
N LEU B 107 -3.41 -21.88 12.05
CA LEU B 107 -4.57 -21.47 11.27
C LEU B 107 -4.44 -20.04 10.75
N ILE B 108 -4.10 -19.13 11.66
CA ILE B 108 -3.88 -17.73 11.31
C ILE B 108 -2.77 -17.57 10.28
N THR B 109 -1.66 -18.28 10.50
CA THR B 109 -0.52 -18.21 9.59
C THR B 109 -0.93 -18.65 8.18
N ALA B 110 -1.54 -19.83 8.08
CA ALA B 110 -1.99 -20.36 6.80
C ALA B 110 -2.99 -19.42 6.11
N THR B 111 -3.86 -18.80 6.91
CA THR B 111 -4.89 -17.91 6.37
C THR B 111 -4.27 -16.66 5.76
N ASN B 112 -3.37 -16.03 6.51
CA ASN B 112 -2.68 -14.84 6.01
C ASN B 112 -1.78 -15.16 4.82
N GLN B 113 -1.20 -16.35 4.84
CA GLN B 113 -0.36 -16.78 3.72
C GLN B 113 -1.20 -16.92 2.46
N PHE B 114 -2.39 -17.47 2.60
CA PHE B 114 -3.29 -17.66 1.47
C PHE B 114 -3.71 -16.32 0.87
N TYR B 115 -4.09 -15.37 1.72
CA TYR B 115 -4.56 -14.10 1.22
C TYR B 115 -3.38 -13.28 0.69
N THR B 116 -2.18 -13.58 1.20
CA THR B 116 -0.97 -12.95 0.68
C THR B 116 -0.70 -13.37 -0.76
N GLU B 117 -0.82 -14.66 -1.02
CA GLU B 117 -0.63 -15.19 -2.37
C GLU B 117 -1.65 -14.62 -3.34
N LYS B 118 -2.79 -14.21 -2.80
CA LYS B 118 -3.90 -13.73 -3.61
C LYS B 118 -3.80 -12.22 -3.80
N GLY B 119 -2.78 -11.61 -3.20
CA GLY B 119 -2.51 -10.19 -3.39
C GLY B 119 -3.44 -9.30 -2.58
N PHE B 120 -4.00 -9.80 -1.49
CA PHE B 120 -4.85 -8.96 -0.66
C PHE B 120 -4.02 -7.89 0.03
N GLU B 121 -4.66 -6.77 0.36
CA GLU B 121 -3.97 -5.70 1.06
C GLU B 121 -3.81 -6.04 2.55
N GLU B 122 -4.86 -6.62 3.14
CA GLU B 122 -4.95 -6.72 4.59
C GLU B 122 -5.97 -7.76 5.04
N VAL B 123 -5.64 -8.47 6.13
CA VAL B 123 -6.58 -9.35 6.81
C VAL B 123 -6.87 -8.78 8.20
N PHE B 124 -8.14 -8.72 8.60
CA PHE B 124 -8.42 -8.27 9.97
C PHE B 124 -9.36 -9.21 10.72
N VAL B 125 -9.31 -9.14 12.05
CA VAL B 125 -10.06 -10.03 12.92
C VAL B 125 -10.39 -9.26 14.20
N GLN B 126 -11.50 -9.59 14.84
CA GLN B 126 -11.89 -8.88 16.04
C GLN B 126 -12.12 -9.81 17.22
N ALA B 127 -11.96 -9.25 18.41
CA ALA B 127 -12.27 -9.94 19.66
C ALA B 127 -12.95 -8.96 20.62
N ASP B 128 -13.85 -9.48 21.45
CA ASP B 128 -14.48 -8.65 22.45
C ASP B 128 -13.43 -8.22 23.46
N LYS B 129 -13.52 -6.98 23.90
CA LYS B 129 -12.53 -6.43 24.82
C LYS B 129 -12.48 -7.18 26.15
N VAL B 130 -13.59 -7.80 26.51
CA VAL B 130 -13.66 -8.58 27.76
C VAL B 130 -13.06 -9.97 27.63
N ASP B 131 -12.78 -10.40 26.40
CA ASP B 131 -12.25 -11.75 26.18
C ASP B 131 -10.73 -11.73 26.28
N ASP B 132 -10.22 -11.76 27.51
CA ASP B 132 -8.79 -11.65 27.78
C ASP B 132 -7.96 -12.67 27.05
N TYR B 133 -8.45 -13.90 27.02
CA TYR B 133 -7.68 -15.01 26.46
C TYR B 133 -7.61 -14.89 24.93
N ALA B 134 -8.71 -14.45 24.32
CA ALA B 134 -8.70 -14.21 22.88
C ALA B 134 -7.75 -13.07 22.53
N LEU B 135 -7.79 -12.00 23.32
CA LEU B 135 -6.91 -10.86 23.10
C LEU B 135 -5.44 -11.28 23.21
N ASP B 136 -5.14 -12.08 24.23
CA ASP B 136 -3.78 -12.59 24.40
C ASP B 136 -3.37 -13.48 23.23
N PHE B 137 -4.30 -14.27 22.70
CA PHE B 137 -3.97 -15.09 21.55
C PHE B 137 -3.64 -14.25 20.33
N TYR B 138 -4.53 -13.32 19.97
CA TYR B 138 -4.31 -12.54 18.75
C TYR B 138 -3.04 -11.70 18.86
N ARG B 139 -2.74 -11.23 20.07
CA ARG B 139 -1.54 -10.43 20.28
C ARG B 139 -0.28 -11.26 20.08
N SER B 140 -0.39 -12.57 20.30
CA SER B 140 0.73 -13.48 20.10
C SER B 140 0.94 -13.87 18.64
N THR B 141 0.01 -13.47 17.76
CA THR B 141 0.10 -13.79 16.34
C THR B 141 0.82 -12.69 15.59
N LYS B 142 1.41 -11.78 16.35
CA LYS B 142 2.12 -10.57 15.86
C LYS B 142 1.37 -9.82 14.74
N PRO B 143 0.18 -9.33 15.04
CA PRO B 143 -0.53 -8.51 14.05
C PRO B 143 0.24 -7.21 13.80
N THR B 144 -0.07 -6.54 12.70
CA THR B 144 0.58 -5.27 12.38
C THR B 144 0.22 -4.21 13.41
N ALA B 145 -1.06 -4.16 13.78
CA ALA B 145 -1.52 -3.21 14.78
C ALA B 145 -2.87 -3.64 15.35
N GLU B 146 -3.24 -3.06 16.48
CA GLU B 146 -4.56 -3.29 17.04
C GLU B 146 -5.24 -1.95 17.33
N GLU B 147 -6.56 -1.93 17.23
CA GLU B 147 -7.33 -0.70 17.44
C GLU B 147 -8.51 -0.94 18.36
N GLN B 148 -8.77 0.02 19.25
CA GLN B 148 -9.94 -0.04 20.12
C GLN B 148 -11.15 0.49 19.35
N VAL B 149 -12.20 -0.32 19.26
CA VAL B 149 -13.39 0.11 18.54
C VAL B 149 -14.68 -0.26 19.27
N VAL B 150 -15.77 0.38 18.87
CA VAL B 150 -17.08 0.13 19.42
C VAL B 150 -17.99 -0.44 18.34
N HIS B 151 -18.57 -1.59 18.65
CA HIS B 151 -19.38 -2.32 17.71
C HIS B 151 -20.87 -2.11 18.00
N PHE B 152 -21.59 -1.48 17.06
CA PHE B 152 -23.03 -1.26 17.21
C PHE B 152 -23.82 -2.24 16.37
N TYR B 153 -24.88 -2.83 16.91
CA TYR B 153 -25.73 -3.62 16.02
C TYR B 153 -27.22 -3.35 16.18
N TYR B 154 -27.92 -3.62 15.09
CA TYR B 154 -29.37 -3.43 15.00
C TYR B 154 -30.04 -4.77 14.74
N THR B 155 -30.71 -5.31 15.75
CA THR B 155 -31.47 -6.54 15.57
C THR B 155 -32.74 -6.22 14.79
N LEU B 156 -32.90 -6.83 13.62
CA LEU B 156 -34.01 -6.47 12.74
C LEU B 156 -35.29 -7.25 13.05
N LYS B 157 -36.42 -6.68 12.66
CA LYS B 157 -37.71 -7.30 12.90
C LYS B 157 -37.98 -8.39 11.86
N PHE C 10 10.63 3.25 -39.69
CA PHE C 10 9.77 2.47 -38.77
C PHE C 10 9.49 3.13 -37.40
N LEU C 11 10.60 3.08 -36.66
CA LEU C 11 10.65 3.31 -35.23
C LEU C 11 10.96 4.75 -35.06
N LYS C 12 10.28 5.33 -34.11
CA LYS C 12 10.52 6.71 -33.78
C LYS C 12 10.65 6.81 -32.27
N ILE C 13 11.79 7.31 -31.84
CA ILE C 13 12.05 7.62 -30.43
C ILE C 13 11.75 9.05 -30.04
N GLU C 14 10.81 9.27 -29.12
CA GLU C 14 10.33 10.61 -28.80
C GLU C 14 10.46 10.91 -27.30
N ARG C 15 11.07 12.05 -26.98
CA ARG C 15 11.08 12.54 -25.61
C ARG C 15 9.77 13.29 -25.35
N LEU C 16 9.03 12.87 -24.34
CA LEU C 16 7.70 13.42 -24.10
C LEU C 16 7.72 14.88 -23.70
N ALA C 17 6.68 15.60 -24.12
CA ALA C 17 6.51 17.00 -23.76
C ALA C 17 5.38 17.14 -22.73
N GLU C 18 5.14 18.35 -22.25
CA GLU C 18 4.10 18.61 -21.28
C GLU C 18 2.71 18.33 -21.85
N ASN C 19 2.63 18.35 -23.18
CA ASN C 19 1.38 18.08 -23.89
C ASN C 19 1.09 16.58 -24.03
N ASP C 20 2.07 15.76 -23.69
CA ASP C 20 2.02 14.33 -23.99
C ASP C 20 1.56 13.46 -22.82
N LEU C 21 0.57 13.93 -22.06
CA LEU C 21 -0.03 13.08 -21.03
C LEU C 21 -0.67 11.83 -21.61
N PRO C 22 -1.38 11.93 -22.76
CA PRO C 22 -1.90 10.70 -23.35
C PRO C 22 -0.82 9.65 -23.64
N LYS C 23 0.38 10.08 -24.02
CA LYS C 23 1.45 9.13 -24.30
C LYS C 23 2.09 8.62 -23.00
N PHE C 24 2.07 9.46 -21.97
CA PHE C 24 2.58 9.07 -20.66
C PHE C 24 1.72 7.94 -20.09
N ILE C 25 0.41 8.13 -20.11
CA ILE C 25 -0.52 7.13 -19.61
C ILE C 25 -0.37 5.83 -20.39
N GLN C 26 -0.18 5.94 -21.70
CA GLN C 26 0.02 4.78 -22.54
C GLN C 26 1.27 4.01 -22.11
N LEU C 27 2.35 4.72 -21.82
CA LEU C 27 3.58 4.08 -21.38
C LEU C 27 3.37 3.39 -20.03
N ILE C 28 2.67 4.07 -19.13
CA ILE C 28 2.37 3.50 -17.82
C ILE C 28 1.53 2.23 -17.97
N ARG C 29 0.55 2.27 -18.88
CA ARG C 29 -0.25 1.08 -19.16
C ARG C 29 0.61 -0.02 -19.77
N LEU C 30 1.63 0.37 -20.53
CA LEU C 30 2.57 -0.59 -21.08
C LEU C 30 3.41 -1.18 -19.96
N PHE C 31 3.80 -0.34 -19.00
CA PHE C 31 4.53 -0.80 -17.84
C PHE C 31 3.70 -1.82 -17.06
N GLU C 32 2.43 -1.49 -16.84
CA GLU C 32 1.52 -2.38 -16.14
C GLU C 32 1.47 -3.76 -16.80
N ALA C 33 1.33 -3.79 -18.11
CA ALA C 33 1.23 -5.04 -18.85
C ALA C 33 2.52 -5.85 -18.83
N VAL C 34 3.64 -5.21 -19.12
CA VAL C 34 4.92 -5.89 -19.26
C VAL C 34 5.48 -6.36 -17.91
N PHE C 35 5.39 -5.51 -16.89
CA PHE C 35 5.87 -5.86 -15.55
C PHE C 35 4.86 -6.73 -14.81
N GLU C 36 3.74 -7.03 -15.46
CA GLU C 36 2.72 -7.93 -14.94
C GLU C 36 2.16 -7.51 -13.58
N MET C 37 2.02 -6.21 -13.37
CA MET C 37 1.50 -5.69 -12.12
C MET C 37 0.03 -6.04 -11.95
N LYS C 38 -0.33 -6.52 -10.76
CA LYS C 38 -1.70 -6.95 -10.50
C LYS C 38 -2.46 -5.93 -9.67
N ASN C 39 -3.76 -5.79 -9.95
CA ASN C 39 -4.64 -4.90 -9.20
C ASN C 39 -4.09 -3.48 -9.13
N PHE C 40 -3.52 -3.03 -10.24
CA PHE C 40 -2.95 -1.70 -10.32
C PHE C 40 -4.01 -0.67 -10.63
N SER C 41 -3.99 0.43 -9.88
CA SER C 41 -4.84 1.59 -10.16
C SER C 41 -3.97 2.79 -10.56
N ILE C 42 -4.22 3.35 -11.74
CA ILE C 42 -3.43 4.47 -12.21
C ILE C 42 -3.81 5.73 -11.42
N PRO C 43 -2.80 6.54 -11.06
CA PRO C 43 -3.01 7.83 -10.39
C PRO C 43 -3.93 8.75 -11.17
N ASP C 44 -4.52 9.73 -10.48
CA ASP C 44 -5.30 10.78 -11.14
C ASP C 44 -4.45 11.47 -12.20
N SER C 45 -5.08 11.96 -13.26
CA SER C 45 -4.36 12.59 -14.35
C SER C 45 -3.66 13.88 -13.93
N GLU C 46 -4.27 14.64 -13.03
CA GLU C 46 -3.68 15.88 -12.55
C GLU C 46 -2.33 15.59 -11.88
N HIS C 47 -2.24 14.48 -11.16
CA HIS C 47 -0.98 14.08 -10.56
C HIS C 47 0.07 13.74 -11.62
N LEU C 48 -0.33 12.95 -12.62
CA LEU C 48 0.57 12.56 -13.69
C LEU C 48 1.02 13.77 -14.51
N GLN C 49 0.06 14.65 -14.79
CA GLN C 49 0.35 15.88 -15.52
C GLN C 49 1.36 16.71 -14.74
N LYS C 50 1.17 16.79 -13.43
CA LYS C 50 2.08 17.51 -12.55
C LYS C 50 3.47 16.90 -12.62
N LEU C 51 3.51 15.58 -12.59
CA LEU C 51 4.76 14.85 -12.67
C LEU C 51 5.44 15.09 -14.03
N LEU C 52 4.65 15.08 -15.09
CA LEU C 52 5.18 15.26 -16.44
C LEU C 52 5.75 16.66 -16.60
N ASN C 53 5.15 17.63 -15.93
CA ASN C 53 5.59 19.02 -16.01
C ASN C 53 6.90 19.28 -15.28
N GLN C 54 7.31 18.34 -14.42
CA GLN C 54 8.50 18.54 -13.61
C GLN C 54 9.75 18.63 -14.49
N ASN C 55 10.66 19.54 -14.15
CA ASN C 55 11.87 19.78 -14.92
C ASN C 55 13.00 18.80 -14.58
N ASN C 56 12.71 17.88 -13.68
CA ASN C 56 13.69 16.88 -13.24
C ASN C 56 13.29 15.48 -13.67
N PHE C 57 12.39 15.40 -14.65
CA PHE C 57 11.79 14.13 -15.03
C PHE C 57 11.64 14.08 -16.55
N TYR C 58 12.20 13.04 -17.16
CA TYR C 58 12.16 12.90 -18.60
C TYR C 58 11.74 11.51 -19.04
N VAL C 59 10.71 11.47 -19.89
CA VAL C 59 10.20 10.21 -20.42
C VAL C 59 10.58 10.07 -21.89
N PHE C 60 11.15 8.92 -22.24
CA PHE C 60 11.41 8.59 -23.64
C PHE C 60 10.50 7.45 -24.05
N VAL C 61 9.98 7.51 -25.28
CA VAL C 61 9.04 6.49 -25.75
C VAL C 61 9.38 6.03 -27.16
N ALA C 62 9.02 4.78 -27.47
CA ALA C 62 9.26 4.23 -28.80
C ALA C 62 7.95 4.05 -29.55
N LEU C 63 7.94 4.41 -30.83
CA LEU C 63 6.71 4.40 -31.59
C LEU C 63 6.80 3.73 -32.97
N LEU C 64 5.91 2.77 -33.19
CA LEU C 64 5.46 2.40 -34.53
C LEU C 64 4.03 2.86 -34.55
N GLU C 65 3.51 3.24 -35.72
CA GLU C 65 2.18 3.86 -35.79
C GLU C 65 2.30 5.14 -34.92
N ASN C 66 1.37 5.31 -33.99
CA ASN C 66 1.48 6.20 -32.86
C ASN C 66 1.35 5.27 -31.66
N LYS C 67 1.38 3.97 -31.94
CA LYS C 67 1.38 2.91 -30.95
C LYS C 67 2.67 2.95 -30.13
N ILE C 68 2.57 3.27 -28.84
CA ILE C 68 3.71 3.15 -27.96
C ILE C 68 4.08 1.68 -27.85
N VAL C 69 5.31 1.35 -28.22
CA VAL C 69 5.76 -0.03 -28.21
C VAL C 69 6.86 -0.23 -27.18
N GLY C 70 7.26 0.87 -26.54
CA GLY C 70 8.29 0.82 -25.52
C GLY C 70 8.56 2.20 -24.96
N GLY C 71 9.29 2.27 -23.85
CA GLY C 71 9.64 3.54 -23.26
C GLY C 71 10.47 3.42 -21.99
N LEU C 72 11.05 4.53 -21.57
CA LEU C 72 11.75 4.55 -20.31
C LEU C 72 11.56 5.87 -19.59
N THR C 73 11.70 5.84 -18.27
CA THR C 73 11.56 7.03 -17.45
C THR C 73 12.87 7.33 -16.73
N SER C 74 13.20 8.61 -16.60
CA SER C 74 14.46 8.99 -15.97
C SER C 74 14.30 10.17 -15.02
N TYR C 75 15.08 10.15 -13.94
CA TYR C 75 15.07 11.22 -12.95
C TYR C 75 16.40 11.97 -12.94
N VAL C 76 16.33 13.29 -12.95
CA VAL C 76 17.54 14.11 -12.82
C VAL C 76 17.92 14.22 -11.35
N LEU C 77 19.16 13.86 -11.04
CA LEU C 77 19.67 14.02 -9.69
C LEU C 77 20.76 15.08 -9.69
N GLU C 78 20.39 16.30 -9.31
CA GLU C 78 21.35 17.40 -9.26
C GLU C 78 22.39 17.10 -8.18
N GLN C 79 23.66 17.30 -8.51
CA GLN C 79 24.76 16.91 -7.63
C GLN C 79 25.30 18.07 -6.78
N TYR C 80 25.93 17.71 -5.66
CA TYR C 80 26.63 18.68 -4.83
C TYR C 80 28.13 18.50 -4.94
N TYR C 81 28.55 17.41 -5.60
CA TYR C 81 29.97 17.20 -5.89
C TYR C 81 30.36 17.88 -7.21
N SER C 82 29.37 18.24 -8.00
CA SER C 82 29.60 18.80 -9.33
C SER C 82 28.43 19.63 -9.80
N GLU C 83 28.68 20.55 -10.72
CA GLU C 83 27.60 21.30 -11.33
C GLU C 83 26.96 20.48 -12.45
N LYS C 84 27.63 19.38 -12.82
CA LYS C 84 27.09 18.46 -13.81
C LYS C 84 26.23 17.41 -13.12
N PRO C 85 24.95 17.33 -13.51
CA PRO C 85 23.96 16.46 -12.86
C PRO C 85 24.08 14.99 -13.24
N LEU C 86 23.34 14.15 -12.52
CA LEU C 86 23.25 12.73 -12.81
C LEU C 86 21.87 12.39 -13.35
N ALA C 87 21.80 11.36 -14.19
CA ALA C 87 20.52 10.84 -14.65
C ALA C 87 20.32 9.43 -14.11
N TYR C 88 19.10 9.14 -13.69
CA TYR C 88 18.75 7.86 -13.10
C TYR C 88 17.63 7.21 -13.91
N ILE C 89 17.99 6.20 -14.69
CA ILE C 89 16.98 5.44 -15.43
C ILE C 89 16.24 4.54 -14.47
N TYR C 90 14.94 4.79 -14.31
CA TYR C 90 14.17 4.08 -13.31
C TYR C 90 13.49 2.84 -13.88
N ASP C 91 12.71 3.03 -14.93
CA ASP C 91 12.02 1.92 -15.60
C ASP C 91 12.30 1.92 -17.09
N LEU C 92 12.44 0.73 -17.65
CA LEU C 92 12.59 0.55 -19.08
C LEU C 92 11.85 -0.72 -19.52
N ALA C 93 11.01 -0.59 -20.54
CA ALA C 93 10.23 -1.74 -21.00
C ALA C 93 9.85 -1.62 -22.46
N VAL C 94 9.71 -2.78 -23.11
CA VAL C 94 9.27 -2.87 -24.48
C VAL C 94 8.13 -3.87 -24.55
N ASP C 95 7.09 -3.56 -25.32
CA ASP C 95 5.97 -4.48 -25.51
C ASP C 95 6.49 -5.85 -25.90
N THR C 96 5.92 -6.90 -25.31
CA THR C 96 6.41 -8.26 -25.49
C THR C 96 6.31 -8.74 -26.94
N ASN C 97 5.50 -8.05 -27.74
CA ASN C 97 5.43 -8.36 -29.17
C ASN C 97 6.61 -7.81 -29.95
N TRP C 98 7.36 -6.89 -29.34
CA TRP C 98 8.42 -6.21 -30.06
C TRP C 98 9.79 -6.30 -29.38
N GLN C 99 10.01 -7.36 -28.60
CA GLN C 99 11.26 -7.53 -27.88
C GLN C 99 12.32 -8.20 -28.76
N ARG C 100 13.59 -7.87 -28.50
CA ARG C 100 14.70 -8.36 -29.29
C ARG C 100 14.64 -7.85 -30.71
N GLN C 101 14.44 -6.54 -30.88
CA GLN C 101 14.48 -5.92 -32.20
C GLN C 101 15.12 -4.54 -32.17
N GLY C 102 15.96 -4.32 -31.16
CA GLY C 102 16.76 -3.11 -31.09
C GLY C 102 16.09 -1.93 -30.41
N ILE C 103 14.78 -2.04 -30.16
CA ILE C 103 14.01 -0.94 -29.59
C ILE C 103 14.57 -0.47 -28.25
N GLY C 104 14.92 -1.43 -27.39
CA GLY C 104 15.49 -1.11 -26.09
C GLY C 104 16.76 -0.30 -26.15
N LYS C 105 17.73 -0.77 -26.94
CA LYS C 105 19.02 -0.09 -27.02
C LYS C 105 18.91 1.28 -27.64
N LYS C 106 18.00 1.42 -28.60
CA LYS C 106 17.76 2.70 -29.23
C LYS C 106 17.23 3.72 -28.22
N LEU C 107 16.37 3.26 -27.31
CA LEU C 107 15.89 4.11 -26.23
C LEU C 107 17.04 4.51 -25.31
N ILE C 108 17.91 3.55 -25.00
CA ILE C 108 19.07 3.81 -24.15
C ILE C 108 20.01 4.80 -24.81
N THR C 109 20.25 4.60 -26.10
CA THR C 109 21.10 5.49 -26.88
C THR C 109 20.53 6.89 -26.91
N ALA C 110 19.23 7.01 -27.20
CA ALA C 110 18.57 8.30 -27.30
C ALA C 110 18.53 9.00 -25.94
N THR C 111 18.57 8.22 -24.88
CA THR C 111 18.56 8.76 -23.52
C THR C 111 19.93 9.30 -23.16
N ASN C 112 20.96 8.50 -23.37
CA ASN C 112 22.33 8.92 -23.06
C ASN C 112 22.79 10.09 -23.92
N GLN C 113 22.29 10.17 -25.14
CA GLN C 113 22.67 11.27 -26.03
C GLN C 113 22.01 12.57 -25.58
N PHE C 114 20.78 12.46 -25.08
CA PHE C 114 20.05 13.63 -24.59
C PHE C 114 20.74 14.23 -23.39
N TYR C 115 21.24 13.36 -22.50
CA TYR C 115 21.88 13.83 -21.29
C TYR C 115 23.31 14.30 -21.55
N THR C 116 23.89 13.86 -22.66
CA THR C 116 25.19 14.34 -23.06
C THR C 116 25.11 15.80 -23.51
N GLU C 117 24.04 16.13 -24.24
CA GLU C 117 23.81 17.50 -24.69
C GLU C 117 23.63 18.45 -23.51
N LYS C 118 22.87 18.02 -22.51
CA LYS C 118 22.62 18.85 -21.33
C LYS C 118 23.83 18.93 -20.40
N GLY C 119 24.92 18.28 -20.79
CA GLY C 119 26.16 18.35 -20.05
C GLY C 119 26.15 17.55 -18.76
N PHE C 120 25.43 16.44 -18.76
CA PHE C 120 25.35 15.58 -17.59
C PHE C 120 26.64 14.77 -17.45
N GLU C 121 26.97 14.42 -16.21
CA GLU C 121 28.18 13.64 -15.94
C GLU C 121 28.00 12.16 -16.24
N GLU C 122 26.87 11.62 -15.83
CA GLU C 122 26.68 10.17 -15.83
C GLU C 122 25.22 9.76 -15.84
N VAL C 123 24.94 8.66 -16.51
CA VAL C 123 23.61 8.04 -16.44
C VAL C 123 23.77 6.69 -15.76
N PHE C 124 22.91 6.37 -14.80
CA PHE C 124 22.97 5.03 -14.24
C PHE C 124 21.60 4.37 -14.22
N VAL C 125 21.61 3.05 -14.10
CA VAL C 125 20.42 2.24 -14.17
C VAL C 125 20.66 0.98 -13.35
N GLN C 126 19.60 0.38 -12.83
CA GLN C 126 19.76 -0.80 -12.03
C GLN C 126 18.84 -1.93 -12.48
N ALA C 127 19.24 -3.15 -12.14
CA ALA C 127 18.50 -4.33 -12.51
C ALA C 127 18.75 -5.39 -11.45
N ASP C 128 17.71 -6.12 -11.06
CA ASP C 128 17.89 -7.10 -9.99
C ASP C 128 18.70 -8.28 -10.48
N LYS C 129 19.40 -8.90 -9.53
CA LYS C 129 20.35 -9.96 -9.81
C LYS C 129 19.70 -11.19 -10.45
N VAL C 130 18.49 -11.52 -10.00
CA VAL C 130 17.75 -12.67 -10.51
C VAL C 130 17.09 -12.36 -11.86
N ASP C 131 17.30 -11.13 -12.33
CA ASP C 131 16.65 -10.63 -13.54
C ASP C 131 17.64 -10.69 -14.71
N ASP C 132 17.79 -11.86 -15.30
CA ASP C 132 18.91 -12.10 -16.22
C ASP C 132 18.63 -11.66 -17.65
N TYR C 133 17.37 -11.63 -18.07
CA TYR C 133 17.07 -11.12 -19.40
C TYR C 133 17.43 -9.63 -19.46
N ALA C 134 17.23 -8.94 -18.35
CA ALA C 134 17.55 -7.51 -18.27
C ALA C 134 19.05 -7.28 -18.14
N LEU C 135 19.72 -8.16 -17.39
CA LEU C 135 21.17 -8.07 -17.21
C LEU C 135 21.92 -8.24 -18.52
N ASP C 136 21.50 -9.21 -19.34
CA ASP C 136 22.17 -9.40 -20.62
C ASP C 136 21.92 -8.19 -21.51
N PHE C 137 20.76 -7.55 -21.37
CA PHE C 137 20.47 -6.34 -22.14
C PHE C 137 21.43 -5.21 -21.81
N TYR C 138 21.50 -4.84 -20.53
CA TYR C 138 22.31 -3.71 -20.12
C TYR C 138 23.81 -3.94 -20.37
N ARG C 139 24.21 -5.21 -20.41
CA ARG C 139 25.61 -5.55 -20.67
C ARG C 139 25.91 -5.54 -22.16
N SER C 140 24.89 -5.23 -22.95
CA SER C 140 25.04 -5.09 -24.38
C SER C 140 25.07 -3.64 -24.81
N THR C 141 24.80 -2.75 -23.85
CA THR C 141 24.67 -1.34 -24.14
C THR C 141 25.99 -0.61 -23.91
N LYS C 142 27.08 -1.39 -23.84
CA LYS C 142 28.41 -0.86 -23.56
C LYS C 142 28.48 0.09 -22.36
N PRO C 143 27.98 -0.35 -21.19
CA PRO C 143 28.07 0.54 -20.03
C PRO C 143 29.51 0.70 -19.57
N THR C 144 29.86 1.89 -19.09
CA THR C 144 31.22 2.18 -18.64
C THR C 144 31.70 1.16 -17.62
N ALA C 145 30.81 0.83 -16.68
CA ALA C 145 31.14 -0.13 -15.64
C ALA C 145 29.87 -0.70 -15.02
N GLU C 146 30.02 -1.81 -14.31
CA GLU C 146 28.92 -2.38 -13.54
C GLU C 146 29.44 -2.77 -12.17
N GLU C 147 28.57 -2.76 -11.17
CA GLU C 147 29.00 -3.14 -9.83
C GLU C 147 27.88 -3.79 -9.02
N GLN C 148 28.24 -4.80 -8.23
CA GLN C 148 27.28 -5.47 -7.37
C GLN C 148 26.89 -4.56 -6.21
N VAL C 149 25.59 -4.49 -5.95
CA VAL C 149 25.04 -3.54 -4.98
C VAL C 149 23.94 -4.22 -4.16
N VAL C 150 23.76 -3.80 -2.91
CA VAL C 150 22.61 -4.23 -2.13
C VAL C 150 21.62 -3.09 -1.98
N HIS C 151 20.35 -3.41 -2.22
CA HIS C 151 19.27 -2.44 -2.19
C HIS C 151 18.39 -2.66 -0.96
N PHE C 152 18.51 -1.77 0.02
CA PHE C 152 17.69 -1.85 1.23
C PHE C 152 16.50 -0.91 1.12
N TYR C 153 15.29 -1.39 1.37
CA TYR C 153 14.17 -0.48 1.37
C TYR C 153 13.33 -0.58 2.64
N TYR C 154 12.74 0.55 3.02
CA TYR C 154 11.91 0.66 4.22
C TYR C 154 10.47 0.98 3.83
N THR C 155 9.59 0.00 3.92
CA THR C 155 8.18 0.26 3.69
C THR C 155 7.62 1.07 4.84
N LEU C 156 7.15 2.28 4.54
CA LEU C 156 6.66 3.17 5.58
C LEU C 156 5.21 2.86 5.93
N LYS C 157 4.81 3.23 7.14
CA LYS C 157 3.45 3.02 7.58
C LYS C 157 2.56 4.20 7.19
N PHE D 10 23.06 15.16 24.09
CA PHE D 10 22.85 16.38 23.34
C PHE D 10 23.38 16.26 21.93
N LEU D 11 23.20 15.07 21.35
CA LEU D 11 23.33 14.89 19.92
C LEU D 11 22.04 15.36 19.27
N LYS D 12 22.15 16.24 18.29
CA LYS D 12 20.97 16.80 17.64
C LYS D 12 20.90 16.36 16.19
N ILE D 13 19.71 16.00 15.75
CA ILE D 13 19.47 15.69 14.34
C ILE D 13 18.63 16.79 13.70
N GLU D 14 19.22 17.52 12.75
CA GLU D 14 18.54 18.63 12.12
C GLU D 14 18.31 18.40 10.63
N ARG D 15 17.11 18.72 10.17
CA ARG D 15 16.85 18.78 8.74
C ARG D 15 17.17 20.17 8.25
N LEU D 16 18.08 20.27 7.28
CA LEU D 16 18.56 21.56 6.83
C LEU D 16 17.48 22.30 6.04
N ALA D 17 17.36 23.60 6.28
CA ALA D 17 16.46 24.45 5.52
C ALA D 17 17.29 25.26 4.56
N GLU D 18 16.64 26.15 3.82
CA GLU D 18 17.32 26.87 2.76
C GLU D 18 18.29 27.93 3.28
N ASN D 19 18.19 28.27 4.56
CA ASN D 19 19.13 29.20 5.17
C ASN D 19 20.23 28.46 5.92
N ASP D 20 20.42 27.19 5.57
CA ASP D 20 21.43 26.36 6.23
C ASP D 20 22.60 25.97 5.32
N LEU D 21 22.88 26.78 4.31
CA LEU D 21 23.98 26.48 3.39
C LEU D 21 25.33 26.24 4.07
N PRO D 22 25.69 27.06 5.10
CA PRO D 22 26.97 26.75 5.76
C PRO D 22 27.03 25.33 6.32
N LYS D 23 25.92 24.81 6.82
CA LYS D 23 25.90 23.47 7.37
C LYS D 23 25.96 22.44 6.24
N PHE D 24 25.28 22.73 5.14
CA PHE D 24 25.33 21.89 3.95
C PHE D 24 26.79 21.72 3.51
N ILE D 25 27.47 22.86 3.37
CA ILE D 25 28.86 22.88 2.96
C ILE D 25 29.74 22.13 3.96
N GLN D 26 29.43 22.29 5.25
CA GLN D 26 30.12 21.54 6.29
C GLN D 26 29.97 20.03 6.09
N LEU D 27 28.76 19.58 5.76
CA LEU D 27 28.51 18.18 5.51
C LEU D 27 29.27 17.69 4.29
N ILE D 28 29.28 18.50 3.24
CA ILE D 28 30.02 18.15 2.03
C ILE D 28 31.49 17.94 2.36
N ARG D 29 32.04 18.81 3.21
CA ARG D 29 33.40 18.67 3.69
C ARG D 29 33.61 17.36 4.46
N LEU D 30 32.59 16.95 5.21
CA LEU D 30 32.64 15.70 5.95
C LEU D 30 32.74 14.53 4.97
N PHE D 31 31.85 14.54 3.98
CA PHE D 31 31.85 13.51 2.94
C PHE D 31 33.22 13.40 2.29
N GLU D 32 33.80 14.54 1.94
CA GLU D 32 35.10 14.59 1.28
C GLU D 32 36.17 13.88 2.11
N ALA D 33 36.07 14.03 3.43
CA ALA D 33 37.04 13.40 4.32
C ALA D 33 36.75 11.92 4.50
N VAL D 34 35.48 11.58 4.74
CA VAL D 34 35.11 10.21 5.06
C VAL D 34 35.15 9.28 3.84
N PHE D 35 34.75 9.79 2.67
CA PHE D 35 34.84 9.02 1.44
C PHE D 35 36.24 9.10 0.82
N GLU D 36 37.14 9.81 1.51
CA GLU D 36 38.52 9.97 1.07
C GLU D 36 38.61 10.50 -0.37
N MET D 37 37.77 11.48 -0.68
CA MET D 37 37.75 12.09 -2.01
C MET D 37 38.98 12.97 -2.21
N LYS D 38 39.62 12.85 -3.37
CA LYS D 38 40.87 13.57 -3.64
C LYS D 38 40.78 14.54 -4.82
N ASN D 39 41.54 15.63 -4.72
CA ASN D 39 41.56 16.69 -5.71
C ASN D 39 40.17 17.24 -6.00
N PHE D 40 39.37 17.30 -4.95
CA PHE D 40 37.98 17.73 -5.04
C PHE D 40 37.83 19.24 -4.94
N SER D 41 37.33 19.85 -6.01
CA SER D 41 36.96 21.26 -6.00
C SER D 41 35.47 21.38 -5.76
N ILE D 42 35.09 21.99 -4.64
CA ILE D 42 33.68 22.13 -4.33
C ILE D 42 33.05 23.13 -5.30
N PRO D 43 31.83 22.81 -5.78
CA PRO D 43 31.10 23.75 -6.63
C PRO D 43 30.80 25.06 -5.93
N ASP D 44 30.60 26.13 -6.70
CA ASP D 44 30.26 27.43 -6.16
C ASP D 44 28.99 27.36 -5.30
N SER D 45 28.89 28.25 -4.32
CA SER D 45 27.75 28.28 -3.40
C SER D 45 26.43 28.51 -4.13
N GLU D 46 26.48 29.24 -5.23
CA GLU D 46 25.30 29.51 -6.04
C GLU D 46 24.59 28.21 -6.44
N HIS D 47 25.40 27.26 -6.90
CA HIS D 47 24.87 25.97 -7.32
C HIS D 47 24.37 25.19 -6.10
N LEU D 48 25.14 25.21 -5.02
CA LEU D 48 24.78 24.47 -3.82
C LEU D 48 23.52 25.05 -3.17
N GLN D 49 23.37 26.37 -3.22
CA GLN D 49 22.17 27.00 -2.70
C GLN D 49 20.95 26.61 -3.54
N LYS D 50 21.14 26.56 -4.86
CA LYS D 50 20.07 26.14 -5.76
C LYS D 50 19.58 24.74 -5.41
N LEU D 51 20.52 23.83 -5.20
CA LEU D 51 20.21 22.46 -4.83
C LEU D 51 19.45 22.41 -3.50
N LEU D 52 19.97 23.13 -2.52
CA LEU D 52 19.35 23.17 -1.19
C LEU D 52 17.94 23.74 -1.26
N ASN D 53 17.69 24.59 -2.26
CA ASN D 53 16.40 25.22 -2.43
C ASN D 53 15.38 24.35 -3.19
N GLN D 54 15.82 23.22 -3.73
CA GLN D 54 14.91 22.34 -4.46
C GLN D 54 13.95 21.64 -3.49
N ASN D 55 12.73 21.40 -3.94
CA ASN D 55 11.72 20.76 -3.09
C ASN D 55 11.79 19.24 -3.11
N ASN D 56 12.70 18.69 -3.91
CA ASN D 56 12.84 17.24 -4.02
C ASN D 56 14.17 16.76 -3.45
N PHE D 57 14.75 17.59 -2.59
CA PHE D 57 16.04 17.32 -1.98
C PHE D 57 15.98 17.63 -0.49
N TYR D 58 16.44 16.70 0.35
CA TYR D 58 16.43 16.90 1.78
C TYR D 58 17.73 16.39 2.40
N VAL D 59 18.29 17.22 3.28
CA VAL D 59 19.56 16.91 3.94
C VAL D 59 19.39 16.84 5.46
N PHE D 60 19.87 15.75 6.04
CA PHE D 60 19.82 15.58 7.49
C PHE D 60 21.23 15.56 8.03
N VAL D 61 21.45 16.29 9.12
CA VAL D 61 22.77 16.32 9.74
C VAL D 61 22.68 15.96 11.22
N ALA D 62 23.74 15.37 11.73
CA ALA D 62 23.84 15.10 13.16
C ALA D 62 24.78 16.12 13.79
N LEU D 63 24.35 16.71 14.90
CA LEU D 63 25.11 17.78 15.51
C LEU D 63 25.49 17.52 16.97
N LEU D 64 26.79 17.63 17.25
CA LEU D 64 27.28 17.88 18.60
C LEU D 64 27.77 19.31 18.58
N GLU D 65 27.69 20.00 19.71
CA GLU D 65 27.93 21.45 19.72
C GLU D 65 27.05 22.06 18.65
N ASN D 66 27.73 22.67 17.70
CA ASN D 66 27.19 22.91 16.37
C ASN D 66 28.18 22.39 15.35
N LYS D 67 28.86 21.30 15.69
CA LYS D 67 29.78 20.66 14.77
C LYS D 67 29.09 19.48 14.09
N ILE D 68 29.05 19.53 12.76
CA ILE D 68 28.52 18.41 11.98
C ILE D 68 29.38 17.17 12.19
N VAL D 69 28.82 16.16 12.86
CA VAL D 69 29.54 14.92 13.08
C VAL D 69 29.05 13.83 12.11
N GLY D 70 28.01 14.15 11.35
CA GLY D 70 27.48 13.22 10.39
C GLY D 70 26.27 13.77 9.65
N GLY D 71 25.85 13.06 8.61
CA GLY D 71 24.68 13.49 7.87
C GLY D 71 24.33 12.61 6.70
N LEU D 72 23.16 12.84 6.12
CA LEU D 72 22.79 12.14 4.90
C LEU D 72 22.02 13.04 3.95
N THR D 73 22.09 12.70 2.67
CA THR D 73 21.35 13.39 1.63
C THR D 73 20.31 12.47 1.04
N SER D 74 19.15 13.02 0.69
CA SER D 74 18.10 12.20 0.08
C SER D 74 17.38 12.95 -1.02
N TYR D 75 16.94 12.20 -2.03
CA TYR D 75 16.20 12.75 -3.16
C TYR D 75 14.77 12.22 -3.14
N VAL D 76 13.83 13.09 -3.50
CA VAL D 76 12.45 12.66 -3.67
C VAL D 76 12.19 12.23 -5.11
N LEU D 77 11.64 11.03 -5.27
CA LEU D 77 11.19 10.58 -6.58
C LEU D 77 9.68 10.49 -6.60
N GLU D 78 9.03 11.44 -7.26
CA GLU D 78 7.58 11.39 -7.44
C GLU D 78 7.26 10.26 -8.40
N GLN D 79 6.29 9.42 -8.05
CA GLN D 79 5.99 8.23 -8.85
C GLN D 79 4.86 8.42 -9.87
N TYR D 80 4.78 7.48 -10.80
CA TYR D 80 3.65 7.42 -11.72
C TYR D 80 2.80 6.20 -11.43
N TYR D 81 3.29 5.35 -10.53
CA TYR D 81 2.56 4.18 -10.06
C TYR D 81 1.65 4.53 -8.88
N SER D 82 1.94 5.67 -8.25
CA SER D 82 1.26 6.05 -7.02
C SER D 82 1.46 7.52 -6.71
N GLU D 83 0.49 8.12 -6.02
CA GLU D 83 0.61 9.51 -5.62
C GLU D 83 1.49 9.65 -4.37
N LYS D 84 1.83 8.52 -3.76
CA LYS D 84 2.76 8.49 -2.63
C LYS D 84 4.19 8.39 -3.15
N PRO D 85 5.02 9.42 -2.86
CA PRO D 85 6.38 9.49 -3.42
C PRO D 85 7.36 8.50 -2.79
N LEU D 86 8.51 8.39 -3.44
CA LEU D 86 9.63 7.61 -2.94
C LEU D 86 10.74 8.54 -2.46
N ALA D 87 11.52 8.07 -1.49
CA ALA D 87 12.71 8.78 -1.07
C ALA D 87 13.94 7.90 -1.30
N TYR D 88 14.99 8.52 -1.79
CA TYR D 88 16.24 7.82 -2.11
C TYR D 88 17.37 8.42 -1.30
N ILE D 89 17.85 7.68 -0.31
CA ILE D 89 19.03 8.08 0.45
C ILE D 89 20.27 7.87 -0.40
N TYR D 90 20.95 8.98 -0.72
CA TYR D 90 22.10 8.91 -1.62
C TYR D 90 23.41 8.71 -0.87
N ASP D 91 23.77 9.67 -0.02
CA ASP D 91 24.98 9.59 0.78
C ASP D 91 24.65 9.51 2.26
N LEU D 92 25.43 8.73 2.99
CA LEU D 92 25.35 8.68 4.43
C LEU D 92 26.76 8.51 4.98
N ALA D 93 27.14 9.37 5.92
CA ALA D 93 28.46 9.29 6.51
C ALA D 93 28.51 9.86 7.92
N VAL D 94 29.38 9.28 8.73
CA VAL D 94 29.63 9.76 10.07
C VAL D 94 31.14 9.91 10.23
N ASP D 95 31.56 11.02 10.83
CA ASP D 95 32.97 11.25 11.10
C ASP D 95 33.60 10.05 11.81
N THR D 96 34.75 9.63 11.30
CA THR D 96 35.47 8.48 11.82
C THR D 96 35.75 8.62 13.31
N ASN D 97 35.94 9.86 13.74
CA ASN D 97 36.07 10.19 15.16
C ASN D 97 34.86 9.80 15.99
N TRP D 98 33.74 9.56 15.33
CA TRP D 98 32.47 9.40 16.02
C TRP D 98 31.64 8.23 15.50
N GLN D 99 32.31 7.17 15.08
CA GLN D 99 31.59 6.04 14.49
C GLN D 99 31.29 4.94 15.51
N ARG D 100 30.21 4.20 15.22
CA ARG D 100 29.68 3.13 16.07
C ARG D 100 29.21 3.64 17.43
N GLN D 101 28.49 4.77 17.40
CA GLN D 101 27.85 5.31 18.60
C GLN D 101 26.39 5.64 18.36
N GLY D 102 25.81 5.02 17.33
CA GLY D 102 24.40 5.16 17.07
C GLY D 102 24.00 6.36 16.22
N ILE D 103 24.99 7.12 15.75
CA ILE D 103 24.69 8.32 14.97
C ILE D 103 24.04 7.98 13.63
N GLY D 104 24.59 6.99 12.93
CA GLY D 104 24.03 6.58 11.66
C GLY D 104 22.62 6.04 11.85
N LYS D 105 22.37 5.37 12.96
CA LYS D 105 21.05 4.79 13.23
C LYS D 105 19.98 5.85 13.42
N LYS D 106 20.34 6.98 14.02
CA LYS D 106 19.35 8.02 14.29
C LYS D 106 19.17 8.95 13.10
N LEU D 107 20.17 9.00 12.23
CA LEU D 107 20.00 9.67 10.96
C LEU D 107 18.95 8.93 10.14
N ILE D 108 19.11 7.61 10.02
CA ILE D 108 18.14 6.78 9.32
C ILE D 108 16.76 6.87 9.96
N THR D 109 16.72 6.75 11.28
CA THR D 109 15.47 6.83 12.02
C THR D 109 14.76 8.16 11.76
N ALA D 110 15.48 9.26 11.92
CA ALA D 110 14.90 10.59 11.71
C ALA D 110 14.47 10.80 10.26
N THR D 111 15.26 10.30 9.33
CA THR D 111 14.94 10.43 7.90
C THR D 111 13.67 9.66 7.58
N ASN D 112 13.58 8.43 8.08
CA ASN D 112 12.40 7.62 7.84
C ASN D 112 11.20 8.16 8.58
N GLN D 113 11.44 8.78 9.73
CA GLN D 113 10.38 9.41 10.48
C GLN D 113 9.84 10.61 9.70
N PHE D 114 10.74 11.37 9.08
CA PHE D 114 10.35 12.54 8.31
C PHE D 114 9.46 12.15 7.13
N TYR D 115 9.91 11.18 6.35
CA TYR D 115 9.19 10.79 5.14
C TYR D 115 7.90 10.04 5.48
N THR D 116 7.83 9.49 6.69
CA THR D 116 6.60 8.85 7.14
C THR D 116 5.53 9.91 7.33
N GLU D 117 5.90 11.04 7.93
CA GLU D 117 4.97 12.14 8.17
C GLU D 117 4.42 12.71 6.86
N LYS D 118 5.26 12.78 5.84
CA LYS D 118 4.85 13.34 4.55
C LYS D 118 4.10 12.33 3.69
N GLY D 119 3.81 11.17 4.26
CA GLY D 119 3.04 10.14 3.57
C GLY D 119 3.72 9.54 2.37
N PHE D 120 5.04 9.33 2.46
CA PHE D 120 5.78 8.63 1.41
C PHE D 120 5.52 7.14 1.50
N GLU D 121 5.63 6.45 0.37
CA GLU D 121 5.40 5.02 0.31
C GLU D 121 6.59 4.24 0.87
N GLU D 122 7.79 4.67 0.50
CA GLU D 122 8.98 3.87 0.71
C GLU D 122 10.26 4.71 0.66
N VAL D 123 11.22 4.36 1.51
CA VAL D 123 12.56 4.94 1.44
C VAL D 123 13.56 3.84 1.11
N PHE D 124 14.51 4.10 0.21
CA PHE D 124 15.54 3.11 -0.07
C PHE D 124 16.95 3.69 -0.17
N VAL D 125 17.93 2.84 0.08
CA VAL D 125 19.34 3.24 0.09
C VAL D 125 20.19 2.12 -0.49
N GLN D 126 21.27 2.47 -1.19
CA GLN D 126 22.17 1.47 -1.78
C GLN D 126 23.46 1.33 -1.00
N ALA D 127 24.06 0.15 -1.08
CA ALA D 127 25.39 -0.09 -0.51
C ALA D 127 26.18 -1.02 -1.42
N ASP D 128 27.46 -0.73 -1.59
CA ASP D 128 28.35 -1.62 -2.34
C ASP D 128 28.51 -2.93 -1.57
N LYS D 129 28.53 -4.05 -2.27
CA LYS D 129 28.60 -5.33 -1.57
C LYS D 129 30.00 -5.58 -1.02
N VAL D 130 30.99 -4.87 -1.52
CA VAL D 130 32.35 -4.98 -0.99
C VAL D 130 32.41 -4.24 0.35
N ASP D 131 31.54 -3.25 0.52
CA ASP D 131 31.38 -2.55 1.79
C ASP D 131 30.58 -3.37 2.78
N ASP D 132 31.15 -4.41 3.36
CA ASP D 132 30.36 -5.23 4.25
C ASP D 132 30.17 -4.56 5.61
N TYR D 133 31.04 -3.62 5.95
CA TYR D 133 30.82 -2.79 7.13
C TYR D 133 29.50 -2.03 6.97
N ALA D 134 29.27 -1.51 5.78
CA ALA D 134 28.05 -0.76 5.49
C ALA D 134 26.84 -1.67 5.48
N LEU D 135 27.04 -2.91 5.00
CA LEU D 135 25.96 -3.87 4.92
C LEU D 135 25.44 -4.25 6.31
N ASP D 136 26.34 -4.44 7.26
CA ASP D 136 25.91 -4.81 8.59
C ASP D 136 25.22 -3.63 9.23
N PHE D 137 25.70 -2.42 8.93
CA PHE D 137 25.07 -1.22 9.46
C PHE D 137 23.60 -1.11 9.06
N TYR D 138 23.34 -1.14 7.75
CA TYR D 138 21.99 -0.98 7.24
C TYR D 138 21.08 -2.11 7.70
N ARG D 139 21.64 -3.30 7.86
CA ARG D 139 20.88 -4.44 8.35
C ARG D 139 20.50 -4.26 9.82
N SER D 140 21.27 -3.46 10.54
CA SER D 140 20.94 -3.16 11.93
C SER D 140 19.87 -2.07 12.02
N THR D 141 19.62 -1.41 10.89
CA THR D 141 18.60 -0.37 10.82
C THR D 141 17.21 -0.95 10.60
N LYS D 142 17.14 -2.28 10.59
CA LYS D 142 15.88 -3.01 10.40
C LYS D 142 15.16 -2.63 9.10
N PRO D 143 15.80 -2.84 7.95
CA PRO D 143 15.02 -2.54 6.75
C PRO D 143 13.92 -3.55 6.54
N THR D 144 12.88 -3.18 5.81
CA THR D 144 11.80 -4.10 5.51
C THR D 144 12.33 -5.30 4.73
N ALA D 145 13.21 -5.02 3.78
CA ALA D 145 13.80 -6.06 2.95
C ALA D 145 15.11 -5.57 2.33
N GLU D 146 15.91 -6.50 1.84
CA GLU D 146 17.07 -6.16 1.03
C GLU D 146 17.01 -6.94 -0.27
N GLU D 147 17.52 -6.33 -1.33
CA GLU D 147 17.55 -6.98 -2.62
C GLU D 147 18.94 -6.91 -3.22
N GLN D 148 19.37 -8.01 -3.81
CA GLN D 148 20.63 -8.05 -4.54
C GLN D 148 20.40 -7.46 -5.92
N VAL D 149 21.26 -6.52 -6.31
CA VAL D 149 21.10 -5.84 -7.59
C VAL D 149 22.43 -5.52 -8.28
N VAL D 150 22.36 -5.29 -9.58
CA VAL D 150 23.54 -4.89 -10.35
C VAL D 150 23.38 -3.46 -10.85
N HIS D 151 24.41 -2.66 -10.62
CA HIS D 151 24.38 -1.23 -10.93
C HIS D 151 25.22 -0.91 -12.17
N PHE D 152 24.57 -0.40 -13.21
CA PHE D 152 25.26 -0.02 -14.44
C PHE D 152 25.34 1.50 -14.58
N TYR D 153 26.48 2.03 -15.00
CA TYR D 153 26.54 3.46 -15.28
C TYR D 153 27.29 3.80 -16.57
N TYR D 154 26.89 4.93 -17.17
CA TYR D 154 27.47 5.41 -18.42
C TYR D 154 28.15 6.76 -18.22
N THR D 155 29.47 6.78 -18.21
CA THR D 155 30.19 8.05 -18.12
C THR D 155 30.04 8.81 -19.44
N LEU D 156 29.42 9.98 -19.37
CA LEU D 156 29.12 10.75 -20.57
C LEU D 156 30.27 11.64 -21.01
N LYS D 157 30.24 12.06 -22.27
CA LYS D 157 31.27 12.95 -22.81
C LYS D 157 30.88 14.42 -22.66
#